data_6BQB
#
_entry.id   6BQB
#
_cell.length_a   55.782
_cell.length_b   68.062
_cell.length_c   148.610
_cell.angle_alpha   90.00
_cell.angle_beta   90.00
_cell.angle_gamma   90.00
#
_symmetry.space_group_name_H-M   'P 21 21 21'
#
loop_
_entity.id
_entity.type
_entity.pdbx_description
1 polymer 'MGG4 Fab light chain'
2 polymer 'MGG4 Fab heavy chain'
3 polymer 'N-terminal junction peptide'
4 non-polymer GLYCEROL
5 water water
#
loop_
_entity_poly.entity_id
_entity_poly.type
_entity_poly.pdbx_seq_one_letter_code
_entity_poly.pdbx_strand_id
1 'polypeptide(L)'
;DIVMTQSPDSLAVSLGERATINCRSSQSVLSSSNNKNYLAWYQHKPRQPPKLLIYWASTRESGVPDRFSGSGSGTDFTLT
ISSLQAEDVAVYYCQQYYTASPFFGGGTKVEIKRTVAAPSVFIFPPSDEQLKSGTASVVCLLNNFYPREAKVQWKVDNAL
QSGNSQESVTEQDSKDSTYSLSSTLTLSKADYEKHKVYACEVTHQGLSSPVTKSFNRGEC
;
L
2 'polypeptide(L)'
;(PCA)VQLVESGGGVVQPGRSLRLSCAASGFRFSDYGMHWVRQAPGKGLEWVALIWYDGSNESYLDSVKGRFTISRDNSK
NTLYLQMNNLRTEDTAVYYCAKLLVGITTDVFDVWGQGTVVTVSSASTKGPSVFPLAPSSKSTSGGTAALGCLVKDYFPE
PVTVSWNSGALTSGVHTFPAVLQSSGLYSLSSVVTVPSSSLGTQTYICNVNHKPSNTKVDKRVEPKSC
;
H
3 'polypeptide(L)' (ACE)KQPADGNPDPNANP(NH2) P
#
loop_
_chem_comp.id
_chem_comp.type
_chem_comp.name
_chem_comp.formula
ACE non-polymer 'ACETYL GROUP' 'C2 H4 O'
GOL non-polymer GLYCEROL 'C3 H8 O3'
NH2 non-polymer 'AMINO GROUP' 'H2 N'
#
# COMPACT_ATOMS: atom_id res chain seq x y z
N ASP A 1 -5.54 -16.70 -22.83
N ASP A 1 -5.24 -16.45 -22.67
CA ASP A 1 -5.57 -16.27 -21.39
CA ASP A 1 -5.43 -15.76 -21.36
C ASP A 1 -6.96 -15.84 -20.99
C ASP A 1 -6.93 -15.76 -20.98
N ILE A 2 -7.23 -15.92 -19.70
CA ILE A 2 -8.54 -15.56 -19.15
C ILE A 2 -8.30 -14.39 -18.22
N VAL A 3 -8.73 -13.22 -18.63
CA VAL A 3 -8.49 -11.96 -17.93
C VAL A 3 -9.68 -11.63 -17.05
N MET A 4 -9.42 -11.12 -15.84
CA MET A 4 -10.43 -10.87 -14.82
C MET A 4 -10.60 -9.37 -14.58
N THR A 5 -11.85 -8.89 -14.66
N THR A 5 -11.84 -8.89 -14.63
CA THR A 5 -12.19 -7.48 -14.49
CA THR A 5 -12.15 -7.48 -14.46
C THR A 5 -13.21 -7.33 -13.36
C THR A 5 -13.20 -7.30 -13.37
N GLN A 6 -12.88 -6.50 -12.37
CA GLN A 6 -13.76 -6.27 -11.23
C GLN A 6 -14.42 -4.90 -11.33
N SER A 7 -15.59 -4.79 -10.68
N SER A 7 -15.58 -4.79 -10.69
CA SER A 7 -16.31 -3.54 -10.63
CA SER A 7 -16.25 -3.50 -10.62
C SER A 7 -17.07 -3.50 -9.31
C SER A 7 -17.06 -3.48 -9.34
N PRO A 8 -17.08 -2.36 -8.61
CA PRO A 8 -16.33 -1.12 -8.86
C PRO A 8 -14.90 -1.28 -8.40
N ASP A 9 -14.05 -0.28 -8.65
CA ASP A 9 -12.68 -0.32 -8.17
C ASP A 9 -12.61 -0.02 -6.68
N SER A 10 -13.56 0.74 -6.16
CA SER A 10 -13.64 1.02 -4.72
C SER A 10 -15.11 1.08 -4.33
N LEU A 11 -15.38 0.71 -3.09
CA LEU A 11 -16.74 0.66 -2.60
C LEU A 11 -16.78 1.12 -1.16
N ALA A 12 -17.68 2.06 -0.87
CA ALA A 12 -17.92 2.53 0.49
C ALA A 12 -19.26 2.01 0.96
N VAL A 13 -19.26 1.27 2.06
CA VAL A 13 -20.43 0.60 2.60
C VAL A 13 -20.56 1.01 4.07
N SER A 14 -21.76 1.42 4.48
CA SER A 14 -21.98 1.74 5.87
C SER A 14 -21.87 0.49 6.73
N LEU A 15 -21.44 0.65 7.97
CA LEU A 15 -21.38 -0.48 8.89
C LEU A 15 -22.73 -1.18 8.97
N GLY A 16 -22.70 -2.51 8.91
CA GLY A 16 -23.88 -3.31 8.98
C GLY A 16 -24.65 -3.44 7.68
N GLU A 17 -24.22 -2.79 6.60
CA GLU A 17 -24.96 -2.81 5.35
C GLU A 17 -24.33 -3.79 4.36
N ARG A 18 -25.01 -4.01 3.25
CA ARG A 18 -24.61 -5.01 2.28
C ARG A 18 -23.56 -4.48 1.31
N ALA A 19 -22.55 -5.30 1.03
CA ALA A 19 -21.56 -4.97 0.03
C ALA A 19 -21.61 -5.97 -1.12
N THR A 20 -21.68 -5.46 -2.34
CA THR A 20 -21.67 -6.29 -3.55
C THR A 20 -20.48 -5.94 -4.44
N ILE A 21 -19.71 -6.95 -4.82
CA ILE A 21 -18.53 -6.80 -5.68
C ILE A 21 -18.70 -7.71 -6.88
N ASN A 22 -18.49 -7.18 -8.08
CA ASN A 22 -18.68 -7.93 -9.31
C ASN A 22 -17.35 -8.27 -9.97
N CYS A 23 -17.36 -9.35 -10.74
CA CYS A 23 -16.17 -9.87 -11.40
C CYS A 23 -16.60 -10.52 -12.70
N ARG A 24 -15.91 -10.19 -13.79
CA ARG A 24 -16.18 -10.76 -15.10
C ARG A 24 -14.91 -11.40 -15.63
N SER A 25 -15.02 -12.61 -16.14
CA SER A 25 -13.90 -13.26 -16.81
C SER A 25 -14.07 -13.13 -18.33
N SER A 26 -12.93 -13.00 -19.04
CA SER A 26 -12.98 -12.79 -20.48
C SER A 26 -13.40 -14.04 -21.25
N GLN A 27 -13.28 -15.21 -20.63
CA GLN A 27 -13.82 -16.46 -21.14
C GLN A 27 -14.44 -17.21 -19.98
N SER A 28 -15.27 -18.20 -20.31
CA SER A 28 -15.89 -19.00 -19.27
C SER A 28 -14.85 -19.77 -18.45
N VAL A 29 -15.07 -19.83 -17.14
CA VAL A 29 -14.26 -20.64 -16.22
C VAL A 29 -15.05 -21.84 -15.71
N LEU A 30 -16.15 -22.18 -16.35
CA LEU A 30 -16.94 -23.36 -16.00
C LEU A 30 -16.38 -24.55 -16.76
N SER A 31 -15.91 -25.55 -16.02
CA SER A 31 -15.41 -26.78 -16.64
C SER A 31 -16.56 -27.69 -17.07
N SER A 32 -16.54 -28.10 -18.33
CA SER A 32 -17.50 -29.08 -18.81
C SER A 32 -17.27 -30.49 -18.27
N SER A 33 -16.10 -30.77 -17.68
CA SER A 33 -15.84 -32.12 -17.19
C SER A 33 -16.35 -32.35 -15.78
N ASN A 34 -16.41 -31.32 -14.93
CA ASN A 34 -16.95 -31.48 -13.59
C ASN A 34 -17.99 -30.42 -13.25
N ASN A 35 -18.34 -29.53 -14.17
CA ASN A 35 -19.43 -28.58 -13.95
C ASN A 35 -19.14 -27.61 -12.81
N LYS A 36 -17.86 -27.36 -12.54
CA LYS A 36 -17.46 -26.41 -11.51
C LYS A 36 -16.81 -25.18 -12.12
N ASN A 37 -17.05 -24.04 -11.49
CA ASN A 37 -16.42 -22.79 -11.87
C ASN A 37 -15.08 -22.63 -11.16
N TYR A 38 -14.02 -22.44 -11.94
CA TYR A 38 -12.68 -22.32 -11.37
C TYR A 38 -12.41 -20.85 -11.00
N LEU A 39 -13.13 -20.40 -9.97
CA LEU A 39 -13.20 -19.01 -9.57
C LEU A 39 -13.06 -18.90 -8.06
N ALA A 40 -12.09 -18.08 -7.61
CA ALA A 40 -11.82 -17.84 -6.19
C ALA A 40 -11.99 -16.36 -5.86
N TRP A 41 -12.29 -16.10 -4.58
CA TRP A 41 -12.25 -14.76 -4.02
C TRP A 41 -11.26 -14.73 -2.87
N TYR A 42 -10.43 -13.68 -2.83
CA TYR A 42 -9.41 -13.47 -1.82
C TYR A 42 -9.64 -12.12 -1.15
N GLN A 43 -9.29 -12.09 0.13
CA GLN A 43 -9.27 -10.87 0.94
C GLN A 43 -7.83 -10.51 1.24
N HIS A 44 -7.51 -9.22 1.11
CA HIS A 44 -6.13 -8.78 1.33
C HIS A 44 -6.09 -7.50 2.13
N LYS A 45 -5.48 -7.59 3.29
CA LYS A 45 -5.24 -6.46 4.16
C LYS A 45 -3.77 -6.07 4.15
N PRO A 46 -3.46 -4.82 4.49
CA PRO A 46 -2.06 -4.40 4.48
C PRO A 46 -1.23 -5.18 5.49
N ARG A 47 0.01 -5.44 5.09
CA ARG A 47 1.04 -6.04 5.94
C ARG A 47 0.74 -7.49 6.29
N GLN A 48 -0.10 -8.16 5.51
CA GLN A 48 -0.24 -9.60 5.67
C GLN A 48 -0.56 -10.23 4.33
N PRO A 49 -0.42 -11.54 4.19
CA PRO A 49 -0.70 -12.18 2.90
C PRO A 49 -2.20 -12.27 2.65
N PRO A 50 -2.58 -12.40 1.38
CA PRO A 50 -3.99 -12.62 1.05
C PRO A 50 -4.55 -13.88 1.71
N LYS A 51 -5.85 -13.86 2.00
CA LYS A 51 -6.57 -14.98 2.58
C LYS A 51 -7.66 -15.45 1.64
N LEU A 52 -7.74 -16.78 1.45
CA LEU A 52 -8.78 -17.37 0.63
C LEU A 52 -10.13 -17.30 1.34
N LEU A 53 -11.16 -16.77 0.65
CA LEU A 53 -12.54 -16.69 1.15
C LEU A 53 -13.46 -17.74 0.54
N ILE A 54 -13.41 -17.87 -0.77
CA ILE A 54 -14.39 -18.61 -1.56
C ILE A 54 -13.64 -19.32 -2.68
N TYR A 55 -14.00 -20.57 -2.96
CA TYR A 55 -13.55 -21.21 -4.18
C TYR A 55 -14.71 -21.96 -4.83
N TRP A 56 -14.47 -22.46 -6.05
CA TRP A 56 -15.57 -23.02 -6.85
C TRP A 56 -16.73 -22.04 -6.99
N ALA A 57 -16.39 -20.76 -6.99
CA ALA A 57 -17.30 -19.63 -7.06
C ALA A 57 -18.20 -19.44 -5.86
N SER A 58 -18.63 -20.52 -5.18
CA SER A 58 -19.59 -20.40 -4.10
C SER A 58 -19.27 -21.22 -2.86
N THR A 59 -18.18 -21.98 -2.84
CA THR A 59 -17.81 -22.79 -1.68
C THR A 59 -17.01 -21.91 -0.72
N ARG A 60 -17.59 -21.66 0.45
CA ARG A 60 -16.96 -20.83 1.47
C ARG A 60 -15.92 -21.63 2.24
N GLU A 61 -14.72 -21.08 2.33
CA GLU A 61 -13.59 -21.76 2.94
C GLU A 61 -13.79 -21.86 4.45
N SER A 62 -13.25 -22.92 5.03
CA SER A 62 -13.29 -23.12 6.48
C SER A 62 -12.86 -21.87 7.22
N GLY A 63 -13.59 -21.54 8.28
CA GLY A 63 -13.28 -20.41 9.12
C GLY A 63 -13.82 -19.10 8.64
N VAL A 64 -14.29 -19.02 7.41
CA VAL A 64 -14.83 -17.77 6.86
C VAL A 64 -16.27 -17.62 7.33
N PRO A 65 -16.65 -16.47 7.88
CA PRO A 65 -18.01 -16.34 8.41
C PRO A 65 -19.08 -16.30 7.33
N ASP A 66 -20.29 -16.67 7.73
CA ASP A 66 -21.33 -16.88 6.73
C ASP A 66 -21.89 -15.59 6.15
N ARG A 67 -21.43 -14.41 6.61
CA ARG A 67 -21.84 -13.19 5.90
C ARG A 67 -21.18 -13.04 4.52
N PHE A 68 -20.13 -13.80 4.23
CA PHE A 68 -19.51 -13.81 2.90
C PHE A 68 -20.17 -14.88 2.06
N SER A 69 -20.56 -14.53 0.84
CA SER A 69 -21.08 -15.55 -0.08
C SER A 69 -20.71 -15.20 -1.51
N GLY A 70 -20.44 -16.23 -2.30
CA GLY A 70 -20.10 -16.09 -3.71
C GLY A 70 -21.21 -16.67 -4.56
N SER A 71 -21.47 -16.03 -5.69
CA SER A 71 -22.46 -16.49 -6.65
C SER A 71 -21.98 -16.26 -8.07
N GLY A 72 -22.75 -16.82 -9.00
CA GLY A 72 -22.49 -16.65 -10.43
C GLY A 72 -21.96 -17.91 -11.06
N SER A 73 -21.79 -17.82 -12.37
CA SER A 73 -21.36 -18.99 -13.14
C SER A 73 -20.89 -18.51 -14.50
N GLY A 74 -19.97 -19.27 -15.09
CA GLY A 74 -19.53 -18.99 -16.44
C GLY A 74 -18.56 -17.83 -16.50
N THR A 75 -19.05 -16.63 -16.78
CA THR A 75 -18.21 -15.44 -16.86
C THR A 75 -18.59 -14.35 -15.87
N ASP A 76 -19.67 -14.49 -15.10
CA ASP A 76 -20.16 -13.40 -14.27
C ASP A 76 -20.30 -13.88 -12.84
N PHE A 77 -19.59 -13.23 -11.92
CA PHE A 77 -19.50 -13.65 -10.53
C PHE A 77 -19.69 -12.46 -9.60
N THR A 78 -20.18 -12.76 -8.40
CA THR A 78 -20.43 -11.73 -7.40
C THR A 78 -19.99 -12.24 -6.04
N LEU A 79 -19.32 -11.39 -5.29
CA LEU A 79 -19.07 -11.59 -3.87
C LEU A 79 -20.00 -10.65 -3.12
N THR A 80 -20.74 -11.20 -2.15
CA THR A 80 -21.61 -10.41 -1.30
C THR A 80 -21.17 -10.51 0.16
N ILE A 81 -21.10 -9.37 0.83
CA ILE A 81 -20.95 -9.32 2.28
C ILE A 81 -22.27 -8.81 2.83
N SER A 82 -22.99 -9.65 3.56
CA SER A 82 -24.39 -9.33 3.85
C SER A 82 -24.52 -8.18 4.84
N SER A 83 -23.56 -8.04 5.75
CA SER A 83 -23.62 -7.07 6.83
C SER A 83 -22.18 -6.72 7.18
N LEU A 84 -21.71 -5.60 6.66
CA LEU A 84 -20.30 -5.25 6.77
C LEU A 84 -19.88 -5.02 8.22
N GLN A 85 -18.76 -5.62 8.60
CA GLN A 85 -18.14 -5.43 9.90
C GLN A 85 -16.83 -4.67 9.70
N ALA A 86 -16.38 -4.01 10.77
CA ALA A 86 -15.18 -3.20 10.61
C ALA A 86 -13.99 -4.03 10.17
N GLU A 87 -13.96 -5.30 10.58
CA GLU A 87 -12.83 -6.16 10.21
C GLU A 87 -12.89 -6.60 8.74
N ASP A 88 -13.92 -6.22 7.99
CA ASP A 88 -14.04 -6.57 6.58
C ASP A 88 -13.43 -5.54 5.65
N VAL A 89 -12.95 -4.42 6.19
CA VAL A 89 -12.28 -3.42 5.38
C VAL A 89 -10.97 -4.01 4.86
N ALA A 90 -10.81 -3.99 3.53
CA ALA A 90 -9.80 -4.79 2.84
C ALA A 90 -9.97 -4.59 1.34
N VAL A 91 -9.01 -5.11 0.58
CA VAL A 91 -9.13 -5.20 -0.86
C VAL A 91 -9.54 -6.63 -1.17
N TYR A 92 -10.54 -6.78 -2.02
CA TYR A 92 -11.06 -8.09 -2.40
C TYR A 92 -10.71 -8.36 -3.85
N TYR A 93 -10.18 -9.55 -4.11
CA TYR A 93 -9.81 -9.96 -5.47
C TYR A 93 -10.58 -11.19 -5.88
N CYS A 94 -11.07 -11.19 -7.12
CA CYS A 94 -11.44 -12.45 -7.73
C CYS A 94 -10.20 -12.94 -8.47
N GLN A 95 -10.20 -14.23 -8.75
CA GLN A 95 -9.09 -14.85 -9.46
C GLN A 95 -9.62 -16.08 -10.18
N GLN A 96 -9.19 -16.31 -11.42
CA GLN A 96 -9.46 -17.59 -12.05
C GLN A 96 -8.26 -18.51 -11.85
N TYR A 97 -8.55 -19.80 -11.62
CA TYR A 97 -7.52 -20.81 -11.49
C TYR A 97 -7.79 -21.96 -12.47
N TYR A 98 -8.45 -21.59 -13.57
CA TYR A 98 -8.76 -22.51 -14.66
C TYR A 98 -7.53 -22.82 -15.51
N THR A 99 -6.69 -21.82 -15.79
CA THR A 99 -5.55 -21.98 -16.70
C THR A 99 -4.23 -22.01 -15.92
N ALA A 100 -3.14 -22.28 -16.66
CA ALA A 100 -1.79 -22.27 -16.08
C ALA A 100 -1.24 -20.86 -15.87
N SER A 101 -2.03 -19.84 -16.14
CA SER A 101 -1.65 -18.45 -15.86
C SER A 101 -2.86 -17.89 -15.14
N PRO A 102 -2.99 -18.18 -13.84
CA PRO A 102 -4.24 -17.97 -13.06
C PRO A 102 -4.36 -16.52 -12.55
N PHE A 103 -4.74 -15.64 -13.48
CA PHE A 103 -4.76 -14.19 -13.24
C PHE A 103 -5.75 -13.79 -12.16
N PHE A 104 -5.34 -12.79 -11.38
CA PHE A 104 -6.20 -12.06 -10.45
C PHE A 104 -6.90 -10.90 -11.15
N GLY A 105 -8.08 -10.55 -10.65
CA GLY A 105 -8.69 -9.28 -11.01
C GLY A 105 -7.89 -8.12 -10.43
N GLY A 106 -8.34 -6.91 -10.78
CA GLY A 106 -7.65 -5.73 -10.31
C GLY A 106 -7.89 -5.33 -8.87
N GLY A 107 -8.85 -5.95 -8.23
CA GLY A 107 -9.13 -5.67 -6.84
C GLY A 107 -10.21 -4.62 -6.67
N THR A 108 -10.94 -4.73 -5.57
CA THR A 108 -11.96 -3.78 -5.16
C THR A 108 -11.66 -3.39 -3.72
N LYS A 109 -11.40 -2.11 -3.48
CA LYS A 109 -11.10 -1.63 -2.14
C LYS A 109 -12.42 -1.33 -1.44
N VAL A 110 -12.67 -2.01 -0.34
CA VAL A 110 -13.89 -1.82 0.43
C VAL A 110 -13.53 -1.01 1.67
N GLU A 111 -14.22 0.11 1.87
CA GLU A 111 -14.02 0.95 3.03
C GLU A 111 -15.36 1.16 3.75
N ILE A 112 -15.29 1.71 4.96
CA ILE A 112 -16.49 2.09 5.70
C ILE A 112 -16.99 3.43 5.18
N LYS A 113 -18.29 3.50 4.92
CA LYS A 113 -18.90 4.76 4.55
C LYS A 113 -19.38 5.45 5.81
N ARG A 114 -19.01 6.72 5.98
CA ARG A 114 -19.42 7.50 7.14
C ARG A 114 -19.94 8.86 6.66
N THR A 115 -20.38 9.69 7.59
CA THR A 115 -20.85 11.02 7.23
C THR A 115 -19.72 11.84 6.64
N VAL A 116 -20.10 12.84 5.84
CA VAL A 116 -19.13 13.78 5.29
C VAL A 116 -18.43 14.53 6.41
N ALA A 117 -17.10 14.69 6.28
CA ALA A 117 -16.30 15.45 7.22
C ALA A 117 -15.31 16.26 6.40
N ALA A 118 -15.47 17.57 6.41
CA ALA A 118 -14.51 18.43 5.73
C ALA A 118 -13.14 18.37 6.41
N PRO A 119 -12.06 18.48 5.65
CA PRO A 119 -10.73 18.49 6.26
C PRO A 119 -10.46 19.76 7.03
N SER A 120 -9.67 19.64 8.09
N SER A 120 -9.66 19.63 8.08
CA SER A 120 -9.00 20.81 8.64
CA SER A 120 -8.97 20.77 8.67
C SER A 120 -7.65 20.92 7.96
C SER A 120 -7.63 20.91 7.96
N VAL A 121 -7.29 22.12 7.55
CA VAL A 121 -6.14 22.37 6.69
C VAL A 121 -5.07 23.15 7.45
N PHE A 122 -3.82 22.75 7.27
CA PHE A 122 -2.67 23.42 7.87
C PHE A 122 -1.54 23.50 6.85
N ILE A 123 -0.85 24.64 6.80
CA ILE A 123 0.31 24.82 5.92
C ILE A 123 1.53 25.06 6.80
N PHE A 124 2.67 24.49 6.38
CA PHE A 124 3.94 24.57 7.11
C PHE A 124 5.04 25.10 6.21
N PRO A 125 5.69 26.22 6.57
CA PRO A 125 6.85 26.69 5.80
C PRO A 125 8.03 25.76 5.96
N PRO A 126 9.03 25.86 5.08
CA PRO A 126 10.27 25.13 5.32
C PRO A 126 10.95 25.66 6.58
N SER A 127 11.62 24.76 7.29
CA SER A 127 12.43 25.14 8.42
C SER A 127 13.68 25.89 7.97
N ASP A 128 14.17 26.78 8.83
CA ASP A 128 15.44 27.42 8.52
C ASP A 128 16.56 26.39 8.42
N GLU A 129 16.50 25.32 9.23
N GLU A 129 16.48 25.32 9.22
CA GLU A 129 17.49 24.26 9.15
CA GLU A 129 17.50 24.27 9.14
C GLU A 129 17.59 23.71 7.73
C GLU A 129 17.59 23.69 7.75
N GLN A 130 16.43 23.38 7.14
CA GLN A 130 16.43 22.81 5.79
C GLN A 130 16.95 23.82 4.77
N LEU A 131 16.58 25.09 4.91
CA LEU A 131 16.99 26.08 3.91
C LEU A 131 18.51 26.17 3.84
N LYS A 132 19.17 26.05 4.98
CA LYS A 132 20.63 26.04 5.00
C LYS A 132 21.17 24.84 4.23
N SER A 133 20.30 23.97 3.73
CA SER A 133 20.70 22.81 2.93
C SER A 133 20.50 23.00 1.44
N GLY A 134 19.90 24.09 1.01
CA GLY A 134 19.68 24.32 -0.42
C GLY A 134 18.33 23.91 -0.93
N THR A 135 17.47 23.34 -0.10
CA THR A 135 16.15 22.91 -0.54
C THR A 135 15.09 23.43 0.41
N ALA A 136 13.90 23.64 -0.15
CA ALA A 136 12.74 24.10 0.59
C ALA A 136 11.60 23.11 0.34
N SER A 137 11.09 22.52 1.40
CA SER A 137 9.86 21.72 1.35
C SER A 137 8.75 22.49 2.05
N VAL A 138 7.64 22.69 1.35
CA VAL A 138 6.44 23.32 1.92
C VAL A 138 5.39 22.22 2.04
N VAL A 139 4.81 22.06 3.23
CA VAL A 139 3.92 20.93 3.51
C VAL A 139 2.52 21.45 3.82
N CYS A 140 1.54 20.80 3.21
CA CYS A 140 0.13 21.07 3.48
C CYS A 140 -0.52 19.81 4.00
N LEU A 141 -1.16 19.91 5.17
CA LEU A 141 -1.88 18.82 5.81
C LEU A 141 -3.40 19.01 5.68
N LEU A 142 -4.09 17.97 5.20
CA LEU A 142 -5.54 17.85 5.24
C LEU A 142 -5.86 16.78 6.28
N ASN A 143 -6.50 17.17 7.38
CA ASN A 143 -6.64 16.28 8.52
C ASN A 143 -8.07 15.78 8.69
N ASN A 144 -8.24 14.46 8.78
N ASN A 144 -8.20 14.46 8.76
CA ASN A 144 -9.47 13.79 9.25
CA ASN A 144 -9.40 13.75 9.19
C ASN A 144 -10.70 14.19 8.44
C ASN A 144 -10.65 14.23 8.43
N PHE A 145 -10.68 13.79 7.16
CA PHE A 145 -11.76 14.11 6.25
C PHE A 145 -12.36 12.84 5.67
N TYR A 146 -13.58 12.98 5.15
CA TYR A 146 -14.28 11.90 4.48
C TYR A 146 -15.36 12.49 3.57
N PRO A 147 -15.57 11.96 2.36
CA PRO A 147 -14.87 10.90 1.64
C PRO A 147 -13.40 11.23 1.33
N ARG A 148 -12.73 10.23 0.75
N ARG A 148 -12.71 10.24 0.76
CA ARG A 148 -11.30 10.32 0.45
CA ARG A 148 -11.28 10.37 0.50
C ARG A 148 -10.99 11.35 -0.63
C ARG A 148 -10.96 11.33 -0.65
N GLU A 149 -11.89 11.54 -1.58
CA GLU A 149 -11.61 12.42 -2.70
C GLU A 149 -11.34 13.84 -2.24
N ALA A 150 -10.22 14.39 -2.70
CA ALA A 150 -9.77 15.71 -2.30
C ALA A 150 -8.75 16.16 -3.32
N LYS A 151 -8.67 17.47 -3.53
CA LYS A 151 -7.70 18.05 -4.45
C LYS A 151 -6.95 19.15 -3.73
N VAL A 152 -5.61 19.11 -3.84
CA VAL A 152 -4.73 20.12 -3.29
C VAL A 152 -4.12 20.87 -4.47
N GLN A 153 -4.18 22.19 -4.44
N GLN A 153 -4.14 22.19 -4.39
CA GLN A 153 -3.54 23.02 -5.46
CA GLN A 153 -3.57 23.06 -5.43
C GLN A 153 -2.59 23.98 -4.77
C GLN A 153 -2.58 23.99 -4.77
N TRP A 154 -1.33 23.98 -5.24
CA TRP A 154 -0.31 24.88 -4.71
C TRP A 154 -0.25 26.14 -5.54
N LYS A 155 -0.14 27.29 -4.87
CA LYS A 155 0.03 28.57 -5.55
C LYS A 155 1.21 29.30 -4.93
N VAL A 156 2.10 29.82 -5.77
CA VAL A 156 3.23 30.63 -5.35
C VAL A 156 3.06 31.99 -6.00
N ASP A 157 2.91 33.03 -5.17
CA ASP A 157 2.57 34.37 -5.66
C ASP A 157 1.43 34.30 -6.67
N ASN A 158 0.41 33.50 -6.35
CA ASN A 158 -0.79 33.34 -7.16
C ASN A 158 -0.54 32.56 -8.45
N ALA A 159 0.66 32.03 -8.63
CA ALA A 159 0.95 31.23 -9.81
C ALA A 159 0.72 29.76 -9.49
N LEU A 160 -0.05 29.11 -10.35
CA LEU A 160 -0.40 27.71 -10.16
C LEU A 160 0.80 26.80 -10.34
N GLN A 161 1.08 25.98 -9.33
CA GLN A 161 2.21 25.06 -9.38
C GLN A 161 1.81 23.74 -10.01
N SER A 162 2.69 23.19 -10.83
CA SER A 162 2.42 21.95 -11.54
C SER A 162 3.69 21.11 -11.60
N GLY A 163 3.60 19.86 -11.16
CA GLY A 163 4.68 18.90 -11.32
C GLY A 163 5.76 18.91 -10.25
N ASN A 164 5.64 19.75 -9.23
CA ASN A 164 6.68 19.86 -8.20
C ASN A 164 6.11 19.57 -6.82
N SER A 165 5.08 18.72 -6.76
CA SER A 165 4.48 18.30 -5.52
C SER A 165 4.24 16.80 -5.53
N GLN A 166 4.24 16.21 -4.35
CA GLN A 166 3.86 14.81 -4.17
C GLN A 166 2.97 14.70 -2.96
N GLU A 167 2.04 13.75 -2.98
CA GLU A 167 1.18 13.58 -1.81
C GLU A 167 1.08 12.12 -1.40
N SER A 168 0.63 11.94 -0.16
CA SER A 168 0.54 10.64 0.49
C SER A 168 -0.74 10.64 1.34
N VAL A 169 -1.41 9.49 1.45
CA VAL A 169 -2.67 9.44 2.18
C VAL A 169 -2.61 8.29 3.19
N THR A 170 -3.20 8.50 4.37
CA THR A 170 -3.20 7.45 5.37
C THR A 170 -4.26 6.41 5.02
N GLU A 171 -4.15 5.25 5.66
CA GLU A 171 -5.23 4.26 5.64
C GLU A 171 -6.43 4.78 6.43
N GLN A 172 -7.61 4.26 6.13
CA GLN A 172 -8.79 4.71 6.85
C GLN A 172 -8.62 4.52 8.36
N ASP A 173 -8.95 5.55 9.12
CA ASP A 173 -8.70 5.52 10.56
C ASP A 173 -9.63 4.51 11.22
N SER A 174 -9.07 3.68 12.10
CA SER A 174 -9.86 2.62 12.72
C SER A 174 -10.92 3.17 13.67
N LYS A 175 -10.73 4.38 14.20
CA LYS A 175 -11.67 4.93 15.16
C LYS A 175 -12.74 5.82 14.52
N ASP A 176 -12.36 6.74 13.65
CA ASP A 176 -13.34 7.67 13.10
C ASP A 176 -13.59 7.53 11.60
N SER A 177 -12.95 6.56 10.93
CA SER A 177 -13.18 6.23 9.52
C SER A 177 -12.85 7.37 8.56
N THR A 178 -12.00 8.31 8.99
CA THR A 178 -11.53 9.38 8.13
C THR A 178 -10.17 9.06 7.50
N TYR A 179 -9.78 9.91 6.56
CA TYR A 179 -8.49 9.89 5.92
C TYR A 179 -7.77 11.18 6.24
N SER A 180 -6.45 11.15 6.12
CA SER A 180 -5.66 12.37 6.15
C SER A 180 -4.68 12.35 4.98
N LEU A 181 -4.25 13.53 4.55
CA LEU A 181 -3.40 13.65 3.35
C LEU A 181 -2.32 14.69 3.62
N SER A 182 -1.10 14.37 3.18
CA SER A 182 0.03 15.29 3.23
C SER A 182 0.45 15.57 1.80
N SER A 183 0.60 16.85 1.45
CA SER A 183 1.15 17.26 0.15
C SER A 183 2.40 18.08 0.40
N THR A 184 3.48 17.77 -0.32
CA THR A 184 4.76 18.46 -0.18
C THR A 184 5.13 19.12 -1.49
N LEU A 185 5.34 20.44 -1.43
CA LEU A 185 5.87 21.22 -2.53
C LEU A 185 7.37 21.39 -2.35
N THR A 186 8.14 21.03 -3.36
CA THR A 186 9.60 21.07 -3.26
C THR A 186 10.14 22.07 -4.26
N LEU A 187 10.91 23.03 -3.76
CA LEU A 187 11.56 24.04 -4.58
C LEU A 187 13.01 24.17 -4.15
N SER A 188 13.86 24.62 -5.08
CA SER A 188 15.19 25.01 -4.67
C SER A 188 15.10 26.21 -3.74
N LYS A 189 16.10 26.35 -2.86
CA LYS A 189 16.14 27.53 -2.00
C LYS A 189 16.07 28.80 -2.83
N ALA A 190 16.81 28.84 -3.95
CA ALA A 190 16.82 30.02 -4.81
C ALA A 190 15.42 30.40 -5.25
N ASP A 191 14.64 29.43 -5.74
CA ASP A 191 13.27 29.72 -6.17
C ASP A 191 12.39 30.11 -5.00
N TYR A 192 12.52 29.41 -3.86
CA TYR A 192 11.73 29.76 -2.70
C TYR A 192 11.95 31.22 -2.28
N GLU A 193 13.18 31.72 -2.45
N GLU A 193 13.18 31.72 -2.46
CA GLU A 193 13.52 33.06 -2.01
CA GLU A 193 13.54 33.07 -2.03
C GLU A 193 13.06 34.15 -2.98
C GLU A 193 13.03 34.16 -2.97
N LYS A 194 12.65 33.81 -4.20
CA LYS A 194 12.16 34.82 -5.13
C LYS A 194 10.74 35.26 -4.81
N HIS A 195 9.97 34.42 -4.13
CA HIS A 195 8.53 34.64 -4.04
C HIS A 195 8.10 34.89 -2.60
N LYS A 196 6.94 35.50 -2.45
CA LYS A 196 6.44 35.88 -1.13
C LYS A 196 5.33 34.95 -0.63
N VAL A 197 4.24 34.81 -1.38
CA VAL A 197 3.02 34.18 -0.87
C VAL A 197 3.00 32.71 -1.28
N TYR A 198 2.89 31.84 -0.29
CA TYR A 198 2.81 30.40 -0.50
C TYR A 198 1.46 29.92 0.03
N ALA A 199 0.69 29.25 -0.83
CA ALA A 199 -0.70 28.94 -0.52
C ALA A 199 -1.02 27.51 -0.93
N CYS A 200 -1.76 26.83 -0.04
CA CYS A 200 -2.37 25.52 -0.29
C CYS A 200 -3.87 25.75 -0.38
N GLU A 201 -4.46 25.38 -1.52
CA GLU A 201 -5.89 25.54 -1.75
C GLU A 201 -6.52 24.15 -1.83
N VAL A 202 -7.54 23.92 -1.01
CA VAL A 202 -8.09 22.58 -0.82
C VAL A 202 -9.56 22.56 -1.23
N THR A 203 -9.92 21.57 -2.06
N THR A 203 -9.94 21.62 -2.09
CA THR A 203 -11.27 21.32 -2.55
CA THR A 203 -11.34 21.44 -2.43
C THR A 203 -11.75 19.98 -2.01
C THR A 203 -11.77 20.03 -2.05
N HIS A 204 -12.96 19.95 -1.46
CA HIS A 204 -13.50 18.72 -0.90
C HIS A 204 -15.01 18.89 -0.89
N GLN A 205 -15.74 17.78 -1.04
CA GLN A 205 -17.20 17.91 -1.18
C GLN A 205 -17.85 18.47 0.07
N GLY A 206 -17.20 18.36 1.25
CA GLY A 206 -17.69 18.94 2.48
C GLY A 206 -17.49 20.43 2.62
N LEU A 207 -16.69 21.02 1.73
CA LEU A 207 -16.36 22.44 1.75
C LEU A 207 -17.17 23.13 0.66
N SER A 208 -18.01 24.09 1.03
CA SER A 208 -18.87 24.71 0.02
C SER A 208 -18.08 25.57 -0.94
N SER A 209 -16.91 26.01 -0.53
CA SER A 209 -15.96 26.64 -1.43
C SER A 209 -14.56 26.23 -0.97
N PRO A 210 -13.60 26.23 -1.88
CA PRO A 210 -12.24 25.78 -1.50
C PRO A 210 -11.69 26.62 -0.34
N VAL A 211 -10.95 25.96 0.53
CA VAL A 211 -10.26 26.59 1.65
C VAL A 211 -8.81 26.81 1.26
N THR A 212 -8.29 28.01 1.49
CA THR A 212 -6.88 28.29 1.22
C THR A 212 -6.17 28.61 2.52
N LYS A 213 -5.04 27.95 2.76
CA LYS A 213 -4.13 28.33 3.84
C LYS A 213 -2.85 28.86 3.21
N SER A 214 -2.31 29.94 3.79
CA SER A 214 -1.14 30.54 3.17
C SER A 214 -0.25 31.20 4.21
N PHE A 215 0.98 31.49 3.79
CA PHE A 215 1.90 32.31 4.55
C PHE A 215 2.72 33.15 3.59
N ASN A 216 3.27 34.24 4.13
CA ASN A 216 4.25 35.06 3.43
C ASN A 216 5.64 34.70 3.95
N ARG A 217 6.56 34.40 3.03
CA ARG A 217 7.91 34.01 3.41
C ARG A 217 8.54 35.03 4.33
N GLY A 218 8.93 34.60 5.54
CA GLY A 218 9.65 35.46 6.45
C GLY A 218 8.81 36.24 7.44
N GLU A 219 7.58 35.83 7.69
CA GLU A 219 6.76 36.49 8.72
C GLU A 219 6.75 35.66 10.01
N PCA B 1 2.70 -26.31 11.55
CA PCA B 1 1.69 -25.63 10.69
CB PCA B 1 1.61 -24.15 11.06
CG PCA B 1 2.89 -23.83 11.82
CD PCA B 1 3.40 -25.21 12.18
OE PCA B 1 4.32 -25.37 12.98
C PCA B 1 2.07 -25.77 9.20
O PCA B 1 3.26 -25.82 8.87
H PCA B 1 2.49 -26.21 12.41
HA PCA B 1 0.81 -26.04 10.85
HB2 PCA B 1 1.52 -23.60 10.26
HB3 PCA B 1 0.82 -23.99 11.64
HG2 PCA B 1 3.52 -23.33 11.26
HG3 PCA B 1 2.69 -23.32 12.63
N VAL B 2 1.07 -25.87 8.34
CA VAL B 2 1.25 -25.68 6.90
C VAL B 2 1.81 -24.28 6.71
N GLN B 3 3.01 -24.15 6.17
CA GLN B 3 3.60 -22.81 6.02
C GLN B 3 4.62 -22.74 4.89
N LEU B 4 4.82 -21.51 4.46
CA LEU B 4 5.83 -21.13 3.49
C LEU B 4 6.59 -19.93 4.05
N VAL B 5 7.92 -20.00 4.03
CA VAL B 5 8.78 -18.95 4.56
C VAL B 5 9.74 -18.49 3.47
N GLU B 6 9.57 -17.24 3.03
N GLU B 6 9.62 -17.23 3.10
CA GLU B 6 10.40 -16.65 1.98
CA GLU B 6 10.41 -16.66 2.02
C GLU B 6 11.66 -16.05 2.56
C GLU B 6 11.65 -15.98 2.56
N SER B 7 12.67 -15.95 1.72
CA SER B 7 13.91 -15.25 2.04
C SER B 7 14.55 -14.80 0.73
N GLY B 8 15.50 -13.87 0.85
CA GLY B 8 16.29 -13.44 -0.29
C GLY B 8 16.02 -12.04 -0.79
N GLY B 9 14.97 -11.36 -0.33
CA GLY B 9 14.70 -10.03 -0.82
C GLY B 9 15.73 -9.02 -0.34
N GLY B 10 15.79 -7.90 -1.05
CA GLY B 10 16.65 -6.80 -0.66
C GLY B 10 16.73 -5.79 -1.79
N VAL B 11 17.72 -4.91 -1.68
CA VAL B 11 17.96 -3.88 -2.68
C VAL B 11 18.89 -4.46 -3.73
N VAL B 12 18.56 -4.25 -5.01
CA VAL B 12 19.36 -4.78 -6.11
C VAL B 12 19.41 -3.74 -7.22
N GLN B 13 20.57 -3.59 -7.85
CA GLN B 13 20.69 -2.60 -8.90
C GLN B 13 19.98 -3.05 -10.17
N PRO B 14 19.42 -2.12 -10.94
CA PRO B 14 18.86 -2.48 -12.24
C PRO B 14 19.87 -3.26 -13.09
N GLY B 15 19.37 -4.26 -13.78
CA GLY B 15 20.19 -5.10 -14.62
C GLY B 15 20.87 -6.25 -13.90
N ARG B 16 20.84 -6.28 -12.58
CA ARG B 16 21.49 -7.36 -11.85
C ARG B 16 20.50 -8.48 -11.55
N SER B 17 21.00 -9.48 -10.84
CA SER B 17 20.24 -10.69 -10.54
C SER B 17 20.00 -10.83 -9.05
N LEU B 18 18.92 -11.53 -8.71
CA LEU B 18 18.56 -11.82 -7.33
C LEU B 18 17.76 -13.13 -7.29
N ARG B 19 18.06 -14.01 -6.34
N ARG B 19 18.02 -13.95 -6.28
CA ARG B 19 17.31 -15.26 -6.18
CA ARG B 19 17.34 -15.24 -6.14
C ARG B 19 16.49 -15.21 -4.89
C ARG B 19 16.50 -15.23 -4.86
N LEU B 20 15.21 -15.51 -5.00
CA LEU B 20 14.32 -15.71 -3.86
C LEU B 20 14.15 -17.21 -3.61
N SER B 21 13.99 -17.53 -2.33
CA SER B 21 13.76 -18.88 -1.84
C SER B 21 12.49 -18.90 -1.00
N CYS B 22 11.84 -20.06 -1.03
CA CYS B 22 10.60 -20.26 -0.29
C CYS B 22 10.65 -21.65 0.32
N ALA B 23 10.77 -21.72 1.64
CA ALA B 23 10.90 -22.98 2.35
C ALA B 23 9.51 -23.44 2.81
N ALA B 24 9.11 -24.62 2.35
CA ALA B 24 7.81 -25.18 2.66
C ALA B 24 7.93 -26.21 3.78
N SER B 25 6.92 -26.26 4.65
CA SER B 25 6.85 -27.27 5.69
C SER B 25 5.40 -27.49 6.07
N GLY B 26 5.15 -28.64 6.68
CA GLY B 26 3.85 -28.95 7.22
C GLY B 26 2.85 -29.50 6.23
N PHE B 27 3.23 -29.69 4.97
CA PHE B 27 2.38 -30.31 3.97
C PHE B 27 3.26 -30.95 2.90
N ARG B 28 2.63 -31.73 2.03
CA ARG B 28 3.32 -32.50 0.99
C ARG B 28 3.61 -31.61 -0.22
N PHE B 29 4.60 -30.74 -0.02
CA PHE B 29 5.01 -29.76 -1.03
C PHE B 29 5.21 -30.39 -2.41
N SER B 30 5.82 -31.57 -2.45
CA SER B 30 6.19 -32.15 -3.74
C SER B 30 5.00 -32.68 -4.52
N ASP B 31 3.80 -32.66 -3.94
CA ASP B 31 2.58 -33.06 -4.64
C ASP B 31 1.90 -31.92 -5.39
N TYR B 32 2.32 -30.67 -5.19
CA TYR B 32 1.55 -29.54 -5.68
C TYR B 32 2.37 -28.65 -6.60
N GLY B 33 1.74 -28.20 -7.68
CA GLY B 33 2.25 -27.02 -8.35
C GLY B 33 2.35 -25.85 -7.38
N MET B 34 3.28 -24.94 -7.67
CA MET B 34 3.56 -23.82 -6.77
C MET B 34 3.83 -22.57 -7.60
N HIS B 35 3.61 -21.40 -6.97
CA HIS B 35 3.63 -20.15 -7.68
C HIS B 35 4.41 -19.08 -6.93
N TRP B 36 4.78 -18.04 -7.69
CA TRP B 36 5.09 -16.73 -7.16
C TRP B 36 4.05 -15.71 -7.64
N VAL B 37 3.71 -14.79 -6.72
CA VAL B 37 2.78 -13.70 -6.92
C VAL B 37 3.44 -12.46 -6.34
N ARG B 38 3.27 -11.32 -6.98
CA ARG B 38 3.90 -10.10 -6.45
C ARG B 38 2.91 -8.94 -6.37
N GLN B 39 3.29 -7.94 -5.55
CA GLN B 39 2.49 -6.71 -5.43
C GLN B 39 3.42 -5.51 -5.41
N ALA B 40 3.39 -4.73 -6.50
CA ALA B 40 4.20 -3.54 -6.62
C ALA B 40 3.55 -2.40 -5.85
N PRO B 41 4.32 -1.39 -5.48
CA PRO B 41 3.73 -0.26 -4.75
C PRO B 41 2.57 0.37 -5.49
N GLY B 42 1.45 0.54 -4.78
CA GLY B 42 0.27 1.16 -5.35
C GLY B 42 -0.48 0.33 -6.37
N LYS B 43 -0.12 -0.93 -6.53
CA LYS B 43 -0.72 -1.81 -7.53
C LYS B 43 -1.36 -3.02 -6.86
N GLY B 44 -2.09 -3.77 -7.66
CA GLY B 44 -2.77 -4.97 -7.19
C GLY B 44 -1.91 -6.21 -7.30
N LEU B 45 -2.40 -7.29 -6.72
CA LEU B 45 -1.73 -8.57 -6.82
C LEU B 45 -1.53 -8.94 -8.29
N GLU B 46 -0.38 -9.52 -8.57
CA GLU B 46 0.00 -9.91 -9.93
C GLU B 46 0.67 -11.27 -9.89
N TRP B 47 0.01 -12.27 -10.48
CA TRP B 47 0.63 -13.58 -10.64
C TRP B 47 1.87 -13.48 -11.52
N VAL B 48 2.95 -14.17 -11.12
CA VAL B 48 4.25 -14.11 -11.80
C VAL B 48 4.61 -15.43 -12.50
N ALA B 49 4.54 -16.55 -11.79
CA ALA B 49 5.02 -17.80 -12.38
C ALA B 49 4.45 -19.02 -11.65
N LEU B 50 4.38 -20.12 -12.38
CA LEU B 50 3.87 -21.41 -11.92
C LEU B 50 4.87 -22.49 -12.31
N ILE B 51 5.13 -23.44 -11.40
CA ILE B 51 5.92 -24.64 -11.72
C ILE B 51 5.14 -25.89 -11.31
N TRP B 52 5.12 -26.87 -12.20
CA TRP B 52 4.48 -28.16 -11.93
C TRP B 52 5.11 -28.82 -10.70
N TYR B 53 4.32 -29.70 -10.07
CA TYR B 53 4.75 -30.40 -8.86
C TYR B 53 6.13 -31.04 -9.01
N ASP B 54 6.43 -31.61 -10.18
CA ASP B 54 7.67 -32.34 -10.42
C ASP B 54 8.70 -31.54 -11.21
N GLY B 55 8.49 -30.23 -11.36
CA GLY B 55 9.38 -29.38 -12.13
C GLY B 55 9.37 -29.57 -13.63
N SER B 56 8.39 -30.28 -14.19
CA SER B 56 8.41 -30.68 -15.60
C SER B 56 7.93 -29.61 -16.57
N ASN B 57 7.28 -28.55 -16.07
CA ASN B 57 6.81 -27.46 -16.92
C ASN B 57 6.67 -26.23 -16.04
N GLU B 58 6.68 -25.07 -16.70
CA GLU B 58 6.60 -23.79 -16.02
C GLU B 58 5.78 -22.86 -16.90
N SER B 59 5.18 -21.86 -16.25
CA SER B 59 4.37 -20.85 -16.92
C SER B 59 4.75 -19.49 -16.35
N TYR B 60 4.81 -18.46 -17.22
CA TYR B 60 5.32 -17.16 -16.82
C TYR B 60 4.42 -16.01 -17.26
N LEU B 61 4.34 -15.02 -16.39
CA LEU B 61 3.83 -13.69 -16.76
C LEU B 61 4.65 -13.14 -17.93
N ASP B 62 3.97 -12.59 -18.94
CA ASP B 62 4.67 -12.17 -20.17
C ASP B 62 5.80 -11.17 -19.88
N SER B 63 5.60 -10.28 -18.92
CA SER B 63 6.59 -9.24 -18.71
C SER B 63 7.86 -9.72 -18.00
N VAL B 64 7.87 -10.94 -17.45
CA VAL B 64 9.09 -11.51 -16.88
C VAL B 64 9.65 -12.66 -17.69
N LYS B 65 8.96 -13.11 -18.74
CA LYS B 65 9.43 -14.25 -19.48
C LYS B 65 10.81 -13.97 -20.08
N GLY B 66 11.71 -14.93 -19.91
CA GLY B 66 13.06 -14.80 -20.40
C GLY B 66 14.02 -14.14 -19.42
N ARG B 67 13.48 -13.48 -18.39
CA ARG B 67 14.27 -12.84 -17.33
C ARG B 67 14.19 -13.59 -16.01
N PHE B 68 13.03 -14.15 -15.67
CA PHE B 68 12.79 -14.86 -14.43
C PHE B 68 12.70 -16.36 -14.70
N THR B 69 13.22 -17.16 -13.77
CA THR B 69 13.11 -18.62 -13.86
C THR B 69 12.59 -19.15 -12.54
N ILE B 70 11.46 -19.85 -12.58
CA ILE B 70 10.94 -20.55 -11.41
C ILE B 70 11.48 -21.98 -11.41
N SER B 71 11.92 -22.43 -10.24
CA SER B 71 12.46 -23.78 -10.10
C SER B 71 12.15 -24.27 -8.69
N ARG B 72 12.39 -25.56 -8.47
CA ARG B 72 12.12 -26.14 -7.16
C ARG B 72 13.10 -27.28 -6.89
N ASP B 73 13.34 -27.52 -5.60
CA ASP B 73 14.11 -28.69 -5.15
C ASP B 73 13.21 -29.42 -4.15
N ASN B 74 12.50 -30.46 -4.62
CA ASN B 74 11.59 -31.18 -3.74
C ASN B 74 12.33 -31.87 -2.61
N SER B 75 13.59 -32.27 -2.82
CA SER B 75 14.33 -32.93 -1.76
C SER B 75 14.55 -32.00 -0.57
N LYS B 76 14.42 -30.69 -0.78
CA LYS B 76 14.60 -29.71 0.28
C LYS B 76 13.31 -28.93 0.55
N ASN B 77 12.20 -29.36 -0.02
CA ASN B 77 10.92 -28.65 0.10
C ASN B 77 11.08 -27.15 -0.14
N THR B 78 11.82 -26.77 -1.18
CA THR B 78 12.12 -25.38 -1.45
C THR B 78 11.77 -24.98 -2.88
N LEU B 79 11.18 -23.80 -2.99
CA LEU B 79 10.84 -23.18 -4.26
C LEU B 79 11.74 -21.96 -4.46
N TYR B 80 12.12 -21.70 -5.71
CA TYR B 80 13.04 -20.61 -6.03
C TYR B 80 12.44 -19.73 -7.12
N LEU B 81 12.88 -18.48 -7.11
CA LEU B 81 12.62 -17.56 -8.22
C LEU B 81 13.94 -16.85 -8.52
N GLN B 82 14.54 -17.21 -9.64
CA GLN B 82 15.76 -16.55 -10.12
C GLN B 82 15.33 -15.36 -10.96
N MET B 83 15.73 -14.16 -10.54
CA MET B 83 15.33 -12.92 -11.21
C MET B 83 16.59 -12.30 -11.82
N ASN B 84 16.68 -12.34 -13.14
CA ASN B 84 17.78 -11.74 -13.89
C ASN B 84 17.31 -10.50 -14.64
N ASN B 85 18.27 -9.66 -15.04
CA ASN B 85 17.98 -8.44 -15.77
C ASN B 85 16.87 -7.63 -15.10
N LEU B 86 17.02 -7.39 -13.80
CA LEU B 86 15.92 -6.79 -13.04
C LEU B 86 15.70 -5.34 -13.47
N ARG B 87 14.45 -4.92 -13.38
CA ARG B 87 14.02 -3.61 -13.82
C ARG B 87 13.33 -2.89 -12.66
N THR B 88 13.25 -1.56 -12.77
CA THR B 88 12.62 -0.78 -11.72
C THR B 88 11.23 -1.28 -11.41
N GLU B 89 10.46 -1.60 -12.44
CA GLU B 89 9.07 -2.04 -12.25
C GLU B 89 8.95 -3.46 -11.72
N ASP B 90 10.05 -4.17 -11.50
CA ASP B 90 10.01 -5.42 -10.74
C ASP B 90 10.02 -5.18 -9.23
N THR B 91 10.17 -3.94 -8.78
CA THR B 91 10.07 -3.62 -7.36
C THR B 91 8.71 -4.03 -6.83
N ALA B 92 8.69 -4.83 -5.76
CA ALA B 92 7.45 -5.39 -5.23
C ALA B 92 7.72 -6.24 -4.00
N VAL B 93 6.64 -6.52 -3.28
CA VAL B 93 6.59 -7.64 -2.35
C VAL B 93 6.33 -8.89 -3.16
N TYR B 94 7.17 -9.91 -2.97
CA TYR B 94 7.06 -11.19 -3.65
C TYR B 94 6.58 -12.24 -2.66
N TYR B 95 5.48 -12.91 -2.99
CA TYR B 95 4.92 -14.02 -2.24
C TYR B 95 5.09 -15.34 -2.97
N CYS B 96 5.43 -16.39 -2.25
N CYS B 96 5.30 -16.39 -2.19
CA CYS B 96 5.17 -17.71 -2.81
CA CYS B 96 5.22 -17.77 -2.65
C CYS B 96 3.82 -18.18 -2.32
C CYS B 96 3.89 -18.36 -2.20
N ALA B 97 3.18 -19.03 -3.12
CA ALA B 97 1.83 -19.46 -2.82
C ALA B 97 1.50 -20.76 -3.53
N LYS B 98 0.66 -21.58 -2.89
CA LYS B 98 0.18 -22.80 -3.52
C LYS B 98 -0.88 -22.52 -4.59
N LEU B 99 -1.82 -21.62 -4.29
CA LEU B 99 -2.98 -21.30 -5.14
C LEU B 99 -3.79 -22.56 -5.41
N LEU B 100 -4.78 -22.46 -6.31
CA LEU B 100 -5.78 -23.52 -6.45
C LEU B 100 -5.83 -24.15 -7.82
N VAL B 101 -4.85 -23.89 -8.69
CA VAL B 101 -4.90 -24.54 -10.00
C VAL B 101 -4.90 -26.06 -9.81
N GLY B 102 -5.83 -26.74 -10.49
CA GLY B 102 -5.92 -28.19 -10.42
C GLY B 102 -6.50 -28.79 -9.15
N ILE B 103 -7.12 -28.01 -8.26
CA ILE B 103 -7.67 -28.59 -7.03
C ILE B 103 -8.77 -29.62 -7.33
N THR B 104 -8.87 -30.60 -6.42
CA THR B 104 -9.92 -31.62 -6.45
C THR B 104 -10.64 -31.62 -5.11
N THR B 105 -10.14 -32.34 -4.10
CA THR B 105 -10.72 -32.37 -2.76
C THR B 105 -9.68 -31.95 -1.72
N ASP B 106 -10.08 -31.92 -0.46
N ASP B 106 -10.11 -31.87 -0.47
CA ASP B 106 -9.20 -31.49 0.63
CA ASP B 106 -9.21 -31.50 0.63
C ASP B 106 -8.46 -30.21 0.25
C ASP B 106 -8.47 -30.21 0.26
N VAL B 107 -9.26 -29.19 -0.08
CA VAL B 107 -8.74 -27.96 -0.68
C VAL B 107 -8.16 -27.04 0.39
N PHE B 108 -6.94 -26.56 0.15
CA PHE B 108 -6.34 -25.52 0.98
C PHE B 108 -5.41 -24.67 0.12
N ASP B 109 -5.19 -23.43 0.55
CA ASP B 109 -4.16 -22.56 0.01
C ASP B 109 -3.19 -22.22 1.13
N VAL B 110 -2.01 -21.73 0.75
CA VAL B 110 -1.03 -21.25 1.72
C VAL B 110 -0.11 -20.28 0.99
N TRP B 111 0.21 -19.19 1.68
CA TRP B 111 1.03 -18.10 1.18
C TRP B 111 2.15 -17.83 2.18
N GLY B 112 3.32 -17.45 1.68
CA GLY B 112 4.36 -16.95 2.54
C GLY B 112 4.02 -15.53 3.00
N GLN B 113 4.89 -15.02 3.88
N GLN B 113 4.84 -15.00 3.90
CA GLN B 113 4.73 -13.71 4.47
CA GLN B 113 4.58 -13.66 4.42
C GLN B 113 5.10 -12.58 3.51
C GLN B 113 5.08 -12.55 3.49
N GLY B 114 5.83 -12.90 2.46
CA GLY B 114 6.31 -11.92 1.50
C GLY B 114 7.74 -11.52 1.80
N THR B 115 8.46 -11.19 0.74
CA THR B 115 9.79 -10.63 0.87
C THR B 115 9.90 -9.46 -0.11
N VAL B 116 10.47 -8.35 0.36
CA VAL B 116 10.52 -7.11 -0.41
C VAL B 116 11.74 -7.11 -1.33
N VAL B 117 11.51 -6.82 -2.61
CA VAL B 117 12.57 -6.62 -3.61
C VAL B 117 12.46 -5.19 -4.08
N THR B 118 13.53 -4.43 -3.87
CA THR B 118 13.62 -3.04 -4.32
C THR B 118 14.72 -2.90 -5.35
N VAL B 119 14.35 -2.59 -6.60
CA VAL B 119 15.29 -2.44 -7.69
C VAL B 119 15.62 -0.96 -7.80
N SER B 120 16.83 -0.60 -7.36
CA SER B 120 17.23 0.80 -7.29
C SER B 120 18.76 0.88 -7.31
N SER B 121 19.29 1.97 -7.87
CA SER B 121 20.71 2.24 -7.79
C SER B 121 21.06 3.19 -6.66
N ALA B 122 20.11 3.51 -5.80
CA ALA B 122 20.35 4.42 -4.69
C ALA B 122 21.27 3.78 -3.65
N SER B 123 22.03 4.63 -2.95
CA SER B 123 22.85 4.19 -1.84
C SER B 123 22.14 4.42 -0.51
N THR B 124 22.42 3.56 0.45
CA THR B 124 21.93 3.79 1.82
C THR B 124 22.25 5.20 2.29
N LYS B 125 21.24 5.86 2.86
CA LYS B 125 21.36 7.24 3.30
C LYS B 125 20.36 7.49 4.41
N GLY B 126 20.83 8.04 5.53
CA GLY B 126 19.95 8.32 6.62
C GLY B 126 19.20 9.62 6.39
N PRO B 127 18.06 9.79 7.05
CA PRO B 127 17.22 10.94 6.78
C PRO B 127 17.70 12.19 7.49
N SER B 128 17.29 13.31 6.93
CA SER B 128 17.28 14.60 7.61
C SER B 128 15.90 14.81 8.23
N VAL B 129 15.86 15.24 9.49
CA VAL B 129 14.61 15.44 10.22
C VAL B 129 14.44 16.94 10.47
N PHE B 130 13.34 17.49 9.95
CA PHE B 130 13.06 18.91 10.03
C PHE B 130 11.73 19.14 10.73
N PRO B 131 11.60 20.21 11.51
CA PRO B 131 10.34 20.45 12.22
C PRO B 131 9.27 21.01 11.30
N LEU B 132 8.03 20.58 11.55
CA LEU B 132 6.82 21.21 11.04
C LEU B 132 6.23 21.96 12.24
N ALA B 133 6.66 23.20 12.41
CA ALA B 133 6.37 23.92 13.64
C ALA B 133 4.92 24.37 13.69
N PRO B 134 4.27 24.30 14.85
CA PRO B 134 2.89 24.79 14.94
C PRO B 134 2.81 26.28 14.66
N SER B 135 1.80 26.65 13.89
CA SER B 135 1.64 28.02 13.43
C SER B 135 1.38 28.98 14.59
N SER B 136 1.98 30.18 14.51
CA SER B 136 1.72 31.21 15.51
C SER B 136 0.27 31.70 15.48
N LYS B 137 -0.41 31.50 14.36
CA LYS B 137 -1.82 31.84 14.24
C LYS B 137 -2.72 30.68 14.64
N SER B 138 -2.20 29.69 15.37
CA SER B 138 -3.03 28.60 15.90
C SER B 138 -4.18 29.18 16.72
N THR B 139 -5.39 28.66 16.47
CA THR B 139 -6.58 29.16 17.13
C THR B 139 -6.49 28.96 18.65
N SER B 140 -6.61 30.05 19.41
CA SER B 140 -6.62 29.94 20.86
C SER B 140 -7.82 29.11 21.30
N GLY B 141 -7.58 28.19 22.23
CA GLY B 141 -8.64 27.30 22.67
C GLY B 141 -9.07 26.28 21.63
N GLY B 142 -8.40 26.22 20.48
CA GLY B 142 -8.72 25.26 19.45
C GLY B 142 -7.66 24.19 19.31
N THR B 143 -7.41 23.78 18.06
CA THR B 143 -6.55 22.65 17.77
C THR B 143 -5.39 23.13 16.90
N ALA B 144 -4.19 22.68 17.24
CA ALA B 144 -3.00 23.02 16.49
C ALA B 144 -2.43 21.76 15.88
N ALA B 145 -1.70 21.92 14.79
CA ALA B 145 -0.99 20.81 14.15
C ALA B 145 0.50 21.06 14.17
N LEU B 146 1.27 20.00 14.39
CA LEU B 146 2.71 20.07 14.30
C LEU B 146 3.23 18.73 13.82
N GLY B 147 4.52 18.67 13.52
CA GLY B 147 5.04 17.44 12.94
C GLY B 147 6.54 17.47 12.71
N CYS B 148 6.97 16.46 11.97
CA CYS B 148 8.34 16.28 11.55
C CYS B 148 8.35 15.80 10.12
N LEU B 149 9.24 16.36 9.33
CA LEU B 149 9.48 15.97 7.97
C LEU B 149 10.75 15.13 7.94
N VAL B 150 10.64 13.90 7.45
CA VAL B 150 11.71 12.93 7.47
C VAL B 150 12.16 12.75 6.03
N LYS B 151 13.21 13.46 5.63
CA LYS B 151 13.50 13.67 4.21
C LYS B 151 14.80 12.98 3.77
N ASP B 152 14.75 12.40 2.58
CA ASP B 152 15.93 11.95 1.82
C ASP B 152 16.65 10.79 2.47
N TYR B 153 15.97 9.67 2.62
CA TYR B 153 16.57 8.45 3.16
C TYR B 153 16.38 7.29 2.18
N PHE B 154 17.21 6.27 2.38
CA PHE B 154 17.15 5.05 1.60
C PHE B 154 17.87 3.93 2.35
N PRO B 155 17.34 2.70 2.35
CA PRO B 155 16.06 2.26 1.81
C PRO B 155 14.96 2.46 2.87
N GLU B 156 13.74 2.07 2.57
CA GLU B 156 12.71 1.97 3.61
C GLU B 156 13.11 0.86 4.58
N PRO B 157 12.60 0.90 5.82
CA PRO B 157 11.69 1.88 6.39
C PRO B 157 12.35 2.80 7.41
N VAL B 158 11.65 3.85 7.80
CA VAL B 158 11.92 4.56 9.05
C VAL B 158 10.77 4.26 10.00
N THR B 159 11.05 4.34 11.30
CA THR B 159 9.99 4.34 12.30
C THR B 159 9.98 5.69 12.99
N VAL B 160 8.78 6.21 13.21
CA VAL B 160 8.58 7.48 13.89
C VAL B 160 7.66 7.22 15.07
N SER B 161 8.02 7.73 16.24
CA SER B 161 7.14 7.79 17.39
C SER B 161 7.16 9.22 17.89
N TRP B 162 6.24 9.49 18.81
CA TRP B 162 6.16 10.80 19.46
C TRP B 162 6.27 10.62 20.97
N ASN B 163 7.09 11.45 21.59
CA ASN B 163 7.34 11.39 23.03
C ASN B 163 7.59 9.96 23.49
N SER B 164 8.46 9.27 22.77
CA SER B 164 8.88 7.91 23.11
C SER B 164 7.70 6.94 23.20
N GLY B 165 6.67 7.15 22.38
CA GLY B 165 5.51 6.30 22.35
C GLY B 165 4.39 6.71 23.29
N ALA B 166 4.59 7.74 24.11
CA ALA B 166 3.56 8.19 25.03
C ALA B 166 2.47 9.00 24.35
N LEU B 167 2.75 9.55 23.17
CA LEU B 167 1.77 10.34 22.42
C LEU B 167 1.36 9.53 21.21
N THR B 168 0.12 9.04 21.21
CA THR B 168 -0.36 8.27 20.05
C THR B 168 -1.64 8.85 19.48
N SER B 169 -2.46 9.46 20.33
CA SER B 169 -3.74 10.00 19.86
C SER B 169 -3.50 11.16 18.90
N GLY B 170 -4.15 11.10 17.73
CA GLY B 170 -4.08 12.22 16.82
C GLY B 170 -2.85 12.22 15.92
N VAL B 171 -1.99 11.22 16.05
CA VAL B 171 -0.81 11.09 15.19
C VAL B 171 -1.19 10.48 13.87
N HIS B 172 -0.63 11.04 12.79
CA HIS B 172 -0.72 10.48 11.44
C HIS B 172 0.68 10.46 10.84
N THR B 173 1.24 9.28 10.71
CA THR B 173 2.52 9.11 10.05
C THR B 173 2.21 8.59 8.65
N PHE B 174 2.54 9.38 7.66
CA PHE B 174 2.12 9.12 6.29
C PHE B 174 3.02 8.09 5.62
N PRO B 175 2.49 7.39 4.62
CA PRO B 175 3.32 6.57 3.76
C PRO B 175 4.40 7.42 3.09
N ALA B 176 5.60 6.86 3.00
CA ALA B 176 6.67 7.54 2.28
C ALA B 176 6.36 7.66 0.80
N VAL B 177 6.88 8.72 0.20
CA VAL B 177 6.88 8.88 -1.26
C VAL B 177 8.31 8.73 -1.74
N LEU B 178 8.45 8.12 -2.92
CA LEU B 178 9.74 7.99 -3.58
C LEU B 178 9.94 9.22 -4.46
N GLN B 179 10.95 10.02 -4.13
CA GLN B 179 11.26 11.22 -4.90
C GLN B 179 12.03 10.87 -6.16
N SER B 180 12.08 11.83 -7.10
CA SER B 180 12.80 11.60 -8.35
C SER B 180 14.28 11.33 -8.11
N SER B 181 14.80 11.78 -6.97
CA SER B 181 16.18 11.51 -6.59
C SER B 181 16.45 10.05 -6.29
N GLY B 182 15.40 9.24 -6.16
CA GLY B 182 15.52 7.88 -5.72
C GLY B 182 15.54 7.72 -4.21
N LEU B 183 15.40 8.81 -3.47
CA LEU B 183 15.33 8.77 -2.01
C LEU B 183 13.89 8.96 -1.57
N TYR B 184 13.57 8.42 -0.40
CA TYR B 184 12.22 8.52 0.17
C TYR B 184 12.09 9.75 1.07
N SER B 185 10.84 10.16 1.30
CA SER B 185 10.50 11.24 2.21
C SER B 185 9.13 10.93 2.81
N LEU B 186 8.96 11.26 4.08
CA LEU B 186 7.62 11.18 4.65
C LEU B 186 7.49 12.23 5.72
N SER B 187 6.23 12.47 6.10
CA SER B 187 5.92 13.35 7.22
C SER B 187 5.16 12.59 8.29
N SER B 188 5.33 13.03 9.53
CA SER B 188 4.52 12.58 10.63
C SER B 188 4.00 13.81 11.33
N VAL B 189 2.69 13.88 11.52
CA VAL B 189 2.05 15.03 12.14
C VAL B 189 1.22 14.55 13.32
N VAL B 190 0.86 15.51 14.16
CA VAL B 190 -0.08 15.26 15.24
C VAL B 190 -0.85 16.55 15.48
N THR B 191 -2.14 16.40 15.80
CA THR B 191 -2.94 17.52 16.26
C THR B 191 -3.09 17.43 17.77
N VAL B 192 -3.03 18.58 18.43
CA VAL B 192 -3.04 18.68 19.89
C VAL B 192 -3.81 19.95 20.26
N PRO B 193 -4.23 20.10 21.51
CA PRO B 193 -4.84 21.36 21.91
C PRO B 193 -3.85 22.50 21.76
N SER B 194 -4.32 23.60 21.18
CA SER B 194 -3.48 24.79 21.08
C SER B 194 -2.97 25.23 22.45
N SER B 195 -3.78 25.06 23.49
CA SER B 195 -3.38 25.46 24.84
C SER B 195 -2.17 24.67 25.33
N SER B 196 -1.93 23.46 24.80
CA SER B 196 -0.78 22.68 25.22
C SER B 196 0.53 23.17 24.64
N LEU B 197 0.50 24.03 23.61
CA LEU B 197 1.74 24.53 23.05
C LEU B 197 2.52 25.27 24.12
N GLY B 198 3.80 25.01 24.18
CA GLY B 198 4.67 25.59 25.20
C GLY B 198 4.70 24.76 26.47
N THR B 199 3.51 24.42 26.98
CA THR B 199 3.43 23.68 28.23
C THR B 199 3.90 22.25 28.05
N GLN B 200 3.37 21.58 27.02
N GLN B 200 3.41 21.57 27.01
CA GLN B 200 3.73 20.21 26.72
CA GLN B 200 3.73 20.17 26.78
C GLN B 200 4.88 20.18 25.73
C GLN B 200 4.78 20.07 25.68
N THR B 201 5.82 19.28 25.94
CA THR B 201 6.95 19.12 25.04
C THR B 201 6.64 18.07 23.98
N TYR B 202 6.93 18.39 22.71
CA TYR B 202 6.68 17.47 21.60
C TYR B 202 7.97 17.11 20.90
N ILE B 203 8.27 15.81 20.87
CA ILE B 203 9.52 15.28 20.32
C ILE B 203 9.17 14.13 19.40
N CYS B 204 9.68 14.16 18.17
CA CYS B 204 9.51 13.04 17.25
C CYS B 204 10.80 12.21 17.30
N ASN B 205 10.63 10.89 17.42
CA ASN B 205 11.74 9.96 17.54
C ASN B 205 11.79 9.18 16.23
N VAL B 206 12.89 9.33 15.50
CA VAL B 206 13.02 8.86 14.14
C VAL B 206 14.21 7.90 14.06
N ASN B 207 13.94 6.65 13.72
CA ASN B 207 14.98 5.63 13.63
C ASN B 207 15.05 5.13 12.21
N HIS B 208 16.27 5.04 11.68
CA HIS B 208 16.50 4.47 10.35
C HIS B 208 17.61 3.44 10.52
N LYS B 209 17.24 2.17 10.70
CA LYS B 209 18.24 1.15 11.02
C LYS B 209 19.33 1.01 9.97
N PRO B 210 19.05 1.08 8.67
CA PRO B 210 20.13 0.86 7.68
C PRO B 210 21.29 1.82 7.81
N SER B 211 21.03 3.05 8.26
CA SER B 211 22.06 4.08 8.42
C SER B 211 22.50 4.24 9.87
N ASN B 212 21.93 3.44 10.77
CA ASN B 212 22.31 3.52 12.17
C ASN B 212 21.98 4.90 12.75
N THR B 213 20.92 5.52 12.24
N THR B 213 20.92 5.54 12.29
CA THR B 213 20.44 6.83 12.68
CA THR B 213 20.56 6.87 12.76
C THR B 213 19.34 6.65 13.72
C THR B 213 19.30 6.81 13.62
N LYS B 214 19.39 7.48 14.77
CA LYS B 214 18.35 7.48 15.79
C LYS B 214 18.30 8.91 16.30
N VAL B 215 17.23 9.65 15.96
CA VAL B 215 17.14 11.07 16.29
C VAL B 215 15.89 11.30 17.15
N ASP B 216 16.02 12.10 18.19
CA ASP B 216 14.88 12.63 18.92
C ASP B 216 14.88 14.13 18.65
N LYS B 217 13.82 14.64 18.01
CA LYS B 217 13.77 16.01 17.50
C LYS B 217 12.64 16.79 18.17
N ARG B 218 12.98 17.88 18.87
CA ARG B 218 11.97 18.66 19.54
C ARG B 218 11.35 19.66 18.57
N VAL B 219 10.03 19.77 18.59
CA VAL B 219 9.28 20.65 17.70
C VAL B 219 8.65 21.74 18.56
N GLU B 220 8.99 22.99 18.27
CA GLU B 220 8.59 24.11 19.10
C GLU B 220 7.87 25.15 18.26
N PRO B 221 6.97 25.93 18.84
CA PRO B 221 6.49 27.12 18.13
C PRO B 221 7.66 28.04 17.84
N LYS B 222 7.63 28.68 16.67
CA LYS B 222 8.76 29.50 16.24
C LYS B 222 8.73 30.92 16.83
N ASN C 8 -8.84 -27.25 -18.36
N ASN C 8 -7.29 -26.33 -19.41
CA ASN C 8 -8.01 -26.66 -17.30
CA ASN C 8 -7.66 -26.53 -18.01
C ASN C 8 -6.78 -27.52 -17.05
C ASN C 8 -6.63 -27.41 -17.32
N PRO C 9 -5.58 -26.93 -16.97
N PRO C 9 -5.43 -26.89 -17.08
CA PRO C 9 -4.41 -27.76 -16.63
CA PRO C 9 -4.33 -27.75 -16.65
C PRO C 9 -4.42 -28.13 -15.16
C PRO C 9 -4.41 -28.14 -15.17
N ASP C 10 -3.70 -29.22 -14.88
CA ASP C 10 -3.53 -29.73 -13.52
C ASP C 10 -2.02 -29.81 -13.33
N PRO C 11 -1.43 -28.92 -12.56
CA PRO C 11 0.01 -28.97 -12.33
C PRO C 11 0.38 -29.78 -11.09
N ASN C 12 -0.57 -30.58 -10.58
CA ASN C 12 -0.42 -31.33 -9.33
C ASN C 12 -0.24 -32.82 -9.60
N ALA C 13 0.26 -33.51 -8.58
CA ALA C 13 0.44 -34.96 -8.68
C ALA C 13 -0.92 -35.62 -8.80
N ASN C 14 -0.93 -36.82 -9.38
CA ASN C 14 -2.16 -37.57 -9.54
C ASN C 14 -2.02 -38.94 -8.90
C1 GOL D . -4.27 5.46 9.96
O1 GOL D . -5.26 4.42 9.94
C2 GOL D . -4.48 6.34 11.27
O2 GOL D . -5.40 7.36 11.08
C3 GOL D . -3.09 6.91 11.61
O3 GOL D . -2.73 7.74 10.58
H11 GOL D . -3.36 5.11 9.94
H12 GOL D . -4.34 6.02 9.17
HO1 GOL D . -5.73 4.55 9.24
H2 GOL D . -4.83 5.79 11.99
HO2 GOL D . -5.94 7.34 11.74
H31 GOL D . -2.47 6.18 11.76
H32 GOL D . -3.14 7.38 12.45
HO3 GOL D . -1.88 7.69 10.51
C1 GOL E . -12.74 -13.66 7.21
O1 GOL E . -13.30 -12.66 7.97
C2 GOL E . -11.27 -13.25 6.94
O2 GOL E . -10.91 -12.14 7.70
C3 GOL E . -10.44 -14.49 7.29
O3 GOL E . -10.87 -15.50 6.44
H11 GOL E . -12.75 -14.52 7.63
H12 GOL E . -13.20 -13.77 6.36
HO1 GOL E . -13.53 -12.04 7.43
H2 GOL E . -11.16 -13.00 6.01
HO2 GOL E . -10.38 -11.68 7.22
H31 GOL E . -9.49 -14.28 7.19
H32 GOL E . -10.57 -14.71 8.22
HO3 GOL E . -10.41 -16.19 6.62
C1 GOL F . 11.86 15.99 -4.12
O1 GOL F . 11.13 16.45 -3.03
C2 GOL F . 10.96 16.17 -5.36
O2 GOL F . 11.71 16.32 -6.52
C3 GOL F . 10.07 14.92 -5.40
O3 GOL F . 10.52 14.13 -6.46
H11 GOL F . 12.12 15.07 -4.04
H12 GOL F . 12.69 16.49 -4.24
HO1 GOL F . 11.30 15.92 -2.39
H2 GOL F . 10.43 16.98 -5.29
HO2 GOL F . 11.47 15.70 -7.06
H31 GOL F . 9.14 15.19 -5.47
H32 GOL F . 10.13 14.45 -4.56
HO3 GOL F . 9.91 13.55 -6.61
#